data_3JSV
#
_entry.id   3JSV
#
_cell.length_a   55.380
_cell.length_b   45.870
_cell.length_c   83.290
_cell.angle_alpha   90.00
_cell.angle_beta   99.83
_cell.angle_gamma   90.00
#
_symmetry.space_group_name_H-M   'P 1 21 1'
#
loop_
_entity.id
_entity.type
_entity.pdbx_description
1 polymer Ubiquitin
2 polymer Ubiquitin
3 polymer 'NF-kappa-B essential modulator'
4 water water
#
loop_
_entity_poly.entity_id
_entity_poly.type
_entity_poly.pdbx_seq_one_letter_code
_entity_poly.pdbx_strand_id
1 'polypeptide(L)' MQIFVKTLTGKTITLEVEPSDTIENVKAKIQDKEGIPPDQQRLIFAGKQLEDGRTLSDYNIQRESTLHLVLRLRGG A
2 'polypeptide(L)' MQIFVKTLTGKTITLEVEPSDTIENVKAKIQDKEGIPPDQQRLIFAGKQLEDGRTLSDYNIQKESTLHLVLRLRGGD B
3 'polypeptide(L)'
;GMQLEDLRQQLQQAEEALVAKQELIDKLKEEAEQHKIVMETVPVLKAQADIYKADFQAERHAREKLVEKKEYLQEQLEQL
QREFNKLKVGCHES
;
C,D
#
# COMPACT_ATOMS: atom_id res chain seq x y z
N MET A 1 23.00 1.36 12.84
CA MET A 1 22.03 1.94 13.81
C MET A 1 20.77 1.08 13.83
N GLN A 2 19.90 1.34 14.79
CA GLN A 2 18.70 0.54 14.93
C GLN A 2 17.43 1.37 14.96
N ILE A 3 16.38 0.90 14.28
CA ILE A 3 15.10 1.61 14.25
C ILE A 3 13.92 0.68 14.55
N PHE A 4 12.73 1.26 14.68
CA PHE A 4 11.55 0.47 14.98
C PHE A 4 10.49 0.65 13.91
N VAL A 5 9.77 -0.41 13.61
CA VAL A 5 8.69 -0.40 12.63
C VAL A 5 7.48 -0.93 13.36
N LYS A 6 6.46 -0.07 13.50
CA LYS A 6 5.23 -0.37 14.21
C LYS A 6 3.96 -0.43 13.36
N THR A 7 3.05 -1.33 13.70
CA THR A 7 1.77 -1.47 13.00
C THR A 7 0.74 -0.84 13.90
N LEU A 8 -0.48 -0.65 13.42
CA LEU A 8 -1.51 -0.03 14.25
C LEU A 8 -2.05 -1.09 15.22
N THR A 9 -1.70 -2.35 14.96
CA THR A 9 -2.08 -3.43 15.82
C THR A 9 -1.32 -3.24 17.14
N GLY A 10 -0.17 -2.57 17.04
CA GLY A 10 0.68 -2.32 18.20
C GLY A 10 2.03 -3.02 18.06
N LYS A 11 2.06 -4.09 17.25
CA LYS A 11 3.28 -4.86 17.02
C LYS A 11 4.51 -3.97 16.72
N THR A 12 5.63 -4.23 17.38
CA THR A 12 6.85 -3.45 17.17
C THR A 12 8.13 -4.29 17.01
N ILE A 13 8.67 -4.29 15.78
CA ILE A 13 9.89 -5.02 15.50
C ILE A 13 11.06 -4.06 15.35
N THR A 14 12.27 -4.59 15.21
CA THR A 14 13.43 -3.72 15.04
C THR A 14 14.26 -4.14 13.84
N LEU A 15 14.81 -3.16 13.15
CA LEU A 15 15.66 -3.39 11.99
C LEU A 15 16.99 -2.70 12.24
N GLU A 16 18.05 -3.30 11.71
CA GLU A 16 19.39 -2.77 11.82
C GLU A 16 19.57 -2.13 10.47
N VAL A 17 19.68 -0.82 10.45
CA VAL A 17 19.82 -0.09 9.19
C VAL A 17 21.00 0.86 9.21
N GLU A 18 21.35 1.38 8.05
CA GLU A 18 22.42 2.37 7.95
C GLU A 18 21.70 3.64 7.49
N PRO A 19 22.08 4.81 8.03
CA PRO A 19 21.44 6.08 7.66
C PRO A 19 21.34 6.32 6.17
N SER A 20 22.22 5.67 5.41
CA SER A 20 22.25 5.80 3.96
C SER A 20 21.40 4.73 3.28
N ASP A 21 20.54 4.06 4.04
CA ASP A 21 19.69 3.03 3.47
C ASP A 21 18.43 3.62 2.88
N THR A 22 18.02 3.09 1.73
CA THR A 22 16.82 3.59 1.06
C THR A 22 15.56 2.98 1.63
N ILE A 23 14.42 3.61 1.37
CA ILE A 23 13.15 3.10 1.83
C ILE A 23 12.90 1.74 1.17
N GLU A 24 13.39 1.61 -0.06
CA GLU A 24 13.21 0.40 -0.81
C GLU A 24 13.84 -0.73 -0.02
N ASN A 25 15.07 -0.50 0.46
CA ASN A 25 15.79 -1.48 1.26
C ASN A 25 15.03 -1.78 2.52
N VAL A 26 14.77 -0.76 3.33
CA VAL A 26 14.06 -1.01 4.56
C VAL A 26 12.84 -1.87 4.30
N LYS A 27 12.08 -1.59 3.24
CA LYS A 27 10.90 -2.42 2.95
C LYS A 27 11.36 -3.89 2.80
N ALA A 28 12.45 -4.11 2.06
CA ALA A 28 12.99 -5.45 1.84
C ALA A 28 13.47 -6.11 3.13
N LYS A 29 13.81 -5.31 4.15
CA LYS A 29 14.25 -5.87 5.40
C LYS A 29 13.03 -6.25 6.21
N ILE A 30 11.86 -5.78 5.76
CA ILE A 30 10.65 -6.08 6.46
C ILE A 30 10.06 -7.32 5.84
N GLN A 31 10.34 -7.56 4.57
CA GLN A 31 9.84 -8.75 3.90
C GLN A 31 10.63 -9.97 4.36
N ASP A 32 11.91 -9.76 4.67
CA ASP A 32 12.75 -10.84 5.14
C ASP A 32 12.31 -11.38 6.50
N LYS A 33 11.78 -10.52 7.38
CA LYS A 33 11.40 -11.07 8.68
C LYS A 33 9.92 -11.07 9.02
N GLU A 34 9.11 -10.46 8.16
CA GLU A 34 7.68 -10.38 8.36
C GLU A 34 7.01 -11.05 7.19
N GLY A 35 7.79 -11.32 6.16
CA GLY A 35 7.24 -11.96 4.98
C GLY A 35 6.35 -11.04 4.16
N ILE A 36 6.20 -9.80 4.58
CA ILE A 36 5.32 -8.86 3.87
C ILE A 36 5.90 -8.36 2.55
N PRO A 37 5.15 -8.48 1.45
CA PRO A 37 5.66 -8.00 0.16
C PRO A 37 6.02 -6.52 0.21
N PRO A 38 7.11 -6.13 -0.46
CA PRO A 38 7.40 -4.70 -0.38
C PRO A 38 6.36 -3.82 -1.11
N ASP A 39 5.77 -4.35 -2.18
CA ASP A 39 4.80 -3.53 -2.88
C ASP A 39 3.46 -3.35 -2.17
N GLN A 40 3.33 -3.88 -0.96
CA GLN A 40 2.09 -3.67 -0.20
C GLN A 40 2.44 -2.83 0.99
N GLN A 41 3.73 -2.52 1.16
CA GLN A 41 4.15 -1.69 2.28
C GLN A 41 4.06 -0.18 2.04
N ARG A 42 3.68 0.53 3.08
CA ARG A 42 3.60 1.97 3.05
C ARG A 42 4.19 2.34 4.39
N LEU A 43 5.33 3.03 4.37
CA LEU A 43 6.00 3.43 5.60
C LEU A 43 5.70 4.88 5.88
N ILE A 44 5.47 5.22 7.15
CA ILE A 44 5.17 6.59 7.49
C ILE A 44 6.11 7.11 8.54
N PHE A 45 6.50 8.37 8.42
CA PHE A 45 7.37 8.99 9.41
C PHE A 45 7.03 10.46 9.43
N ALA A 46 6.73 10.97 10.62
CA ALA A 46 6.35 12.38 10.76
C ALA A 46 5.15 12.66 9.84
N GLY A 47 4.11 11.85 10.00
CA GLY A 47 2.89 12.02 9.23
C GLY A 47 2.98 11.96 7.74
N LYS A 48 4.13 11.53 7.21
CA LYS A 48 4.32 11.44 5.75
C LYS A 48 4.66 10.05 5.27
N GLN A 49 4.08 9.68 4.13
CA GLN A 49 4.37 8.39 3.51
C GLN A 49 5.75 8.61 2.92
N LEU A 50 6.61 7.60 2.98
CA LEU A 50 7.97 7.75 2.50
C LEU A 50 8.15 7.14 1.14
N GLU A 51 9.12 7.66 0.38
CA GLU A 51 9.39 7.22 -0.99
C GLU A 51 10.56 6.27 -1.17
N ASP A 52 10.35 5.26 -1.99
CA ASP A 52 11.36 4.23 -2.24
C ASP A 52 12.77 4.68 -2.46
N GLY A 53 12.94 5.75 -3.25
CA GLY A 53 14.25 6.25 -3.57
C GLY A 53 14.98 6.97 -2.46
N ARG A 54 14.29 7.88 -1.78
CA ARG A 54 14.92 8.63 -0.71
C ARG A 54 15.56 7.66 0.27
N THR A 55 16.49 8.16 1.08
CA THR A 55 17.20 7.38 2.08
C THR A 55 16.67 7.79 3.44
N LEU A 56 16.97 7.00 4.47
CA LEU A 56 16.53 7.35 5.80
C LEU A 56 17.09 8.72 6.12
N SER A 57 18.36 8.91 5.81
CA SER A 57 19.01 10.18 6.03
C SER A 57 18.18 11.36 5.45
N ASP A 58 17.64 11.20 4.25
CA ASP A 58 16.83 12.23 3.60
C ASP A 58 15.65 12.70 4.45
N TYR A 59 14.94 11.76 5.05
CA TYR A 59 13.80 12.12 5.88
C TYR A 59 14.30 12.34 7.26
N ASN A 60 15.62 12.23 7.40
CA ASN A 60 16.25 12.46 8.67
C ASN A 60 15.76 11.48 9.72
N ILE A 61 15.91 10.19 9.46
CA ILE A 61 15.52 9.21 10.45
C ILE A 61 16.76 8.75 11.21
N GLN A 62 16.77 9.02 12.51
CA GLN A 62 17.90 8.68 13.37
C GLN A 62 17.72 7.31 14.00
N ARG A 63 18.64 6.95 14.90
CA ARG A 63 18.57 5.67 15.57
C ARG A 63 17.43 5.64 16.56
N GLU A 64 16.75 4.51 16.64
CA GLU A 64 15.63 4.35 17.54
C GLU A 64 14.48 5.26 17.15
N SER A 65 14.47 5.64 15.86
CA SER A 65 13.40 6.45 15.32
C SER A 65 12.28 5.46 15.11
N THR A 66 11.04 5.91 15.25
CA THR A 66 9.94 5.00 15.05
C THR A 66 9.18 5.28 13.75
N LEU A 67 9.18 4.31 12.83
CA LEU A 67 8.46 4.42 11.56
C LEU A 67 7.15 3.67 11.68
N HIS A 68 6.15 4.05 10.90
CA HIS A 68 4.88 3.34 10.98
C HIS A 68 4.56 2.60 9.73
N LEU A 69 4.04 1.41 9.90
CA LEU A 69 3.74 0.62 8.73
C LEU A 69 2.27 0.44 8.54
N VAL A 70 1.88 0.42 7.28
CA VAL A 70 0.49 0.23 6.87
C VAL A 70 0.57 -0.51 5.56
N LEU A 71 -0.27 -1.52 5.42
CA LEU A 71 -0.27 -2.35 4.24
C LEU A 71 -1.44 -2.06 3.33
N ARG A 72 -1.20 -2.28 2.04
CA ARG A 72 -2.19 -2.12 1.00
C ARG A 72 -3.10 -3.36 1.06
N LEU A 73 -4.13 -3.37 0.22
CA LEU A 73 -5.03 -4.52 0.16
C LEU A 73 -4.81 -5.21 -1.17
N ARG A 74 -4.57 -4.40 -2.20
CA ARG A 74 -4.34 -4.92 -3.51
C ARG A 74 -2.88 -5.26 -3.71
N GLY A 75 -2.03 -4.25 -3.63
CA GLY A 75 -0.62 -4.49 -3.87
C GLY A 75 -0.51 -4.84 -5.34
N GLY A 76 -0.09 -3.88 -6.15
CA GLY A 76 0.03 -4.06 -7.60
C GLY A 76 0.87 -5.18 -8.20
N MET B 1 -1.26 -7.21 -16.33
CA MET B 1 0.08 -6.64 -16.04
C MET B 1 0.83 -6.30 -17.32
N GLN B 2 1.94 -5.57 -17.19
CA GLN B 2 2.73 -5.17 -18.33
C GLN B 2 4.12 -5.81 -18.35
N ILE B 3 4.57 -6.26 -19.52
CA ILE B 3 5.90 -6.86 -19.67
C ILE B 3 6.70 -6.15 -20.77
N PHE B 4 8.00 -6.42 -20.81
CA PHE B 4 8.89 -5.82 -21.80
C PHE B 4 9.63 -6.86 -22.60
N VAL B 5 9.38 -6.91 -23.90
CA VAL B 5 10.06 -7.84 -24.76
C VAL B 5 11.20 -7.09 -25.44
N LYS B 6 12.43 -7.38 -25.02
CA LYS B 6 13.64 -6.73 -25.56
C LYS B 6 14.41 -7.66 -26.48
N THR B 7 15.07 -7.10 -27.48
CA THR B 7 15.89 -7.91 -28.38
C THR B 7 17.34 -7.53 -28.14
N LEU B 8 18.27 -8.41 -28.52
CA LEU B 8 19.67 -8.12 -28.33
C LEU B 8 20.02 -6.90 -29.19
N THR B 9 19.29 -6.78 -30.29
CA THR B 9 19.43 -5.68 -31.23
C THR B 9 19.23 -4.33 -30.55
N GLY B 10 18.42 -4.31 -29.50
CA GLY B 10 18.18 -3.06 -28.78
C GLY B 10 16.73 -2.58 -28.70
N LYS B 11 15.89 -3.05 -29.61
CA LYS B 11 14.49 -2.65 -29.64
C LYS B 11 13.75 -3.12 -28.38
N THR B 12 12.73 -2.38 -27.97
CA THR B 12 11.97 -2.78 -26.80
C THR B 12 10.48 -2.58 -27.05
N ILE B 13 9.71 -3.63 -26.81
CA ILE B 13 8.28 -3.52 -27.00
C ILE B 13 7.60 -3.86 -25.69
N THR B 14 6.64 -3.02 -25.30
CA THR B 14 5.92 -3.29 -24.06
C THR B 14 4.60 -4.00 -24.39
N LEU B 15 4.20 -4.92 -23.51
CA LEU B 15 2.98 -5.66 -23.73
C LEU B 15 2.00 -5.64 -22.56
N GLU B 16 0.72 -5.72 -22.89
CA GLU B 16 -0.34 -5.74 -21.89
C GLU B 16 -0.83 -7.19 -21.84
N VAL B 17 -0.49 -7.88 -20.76
CA VAL B 17 -0.87 -9.29 -20.60
C VAL B 17 -1.41 -9.62 -19.23
N GLU B 18 -1.70 -10.90 -19.03
CA GLU B 18 -2.19 -11.39 -17.76
C GLU B 18 -1.44 -12.66 -17.41
N PRO B 19 -1.04 -12.82 -16.14
CA PRO B 19 -0.30 -13.99 -15.66
C PRO B 19 -0.95 -15.33 -15.98
N SER B 20 -2.06 -15.27 -16.71
CA SER B 20 -2.79 -16.47 -17.09
C SER B 20 -2.62 -16.74 -18.59
N ASP B 21 -2.07 -15.78 -19.30
CA ASP B 21 -1.84 -15.93 -20.74
C ASP B 21 -0.79 -16.98 -21.04
N THR B 22 -0.95 -17.62 -22.19
CA THR B 22 -0.02 -18.66 -22.63
C THR B 22 1.04 -18.08 -23.56
N ILE B 23 2.27 -18.57 -23.42
CA ILE B 23 3.38 -18.11 -24.24
C ILE B 23 2.96 -17.98 -25.70
N GLU B 24 2.00 -18.82 -26.08
CA GLU B 24 1.47 -18.83 -27.44
C GLU B 24 0.73 -17.51 -27.70
N ASN B 25 -0.06 -17.10 -26.70
CA ASN B 25 -0.84 -15.87 -26.78
C ASN B 25 0.08 -14.69 -27.02
N VAL B 26 1.14 -14.63 -26.23
CA VAL B 26 2.12 -13.56 -26.31
C VAL B 26 2.76 -13.50 -27.71
N LYS B 27 3.34 -14.61 -28.17
CA LYS B 27 3.97 -14.61 -29.49
C LYS B 27 2.97 -14.14 -30.54
N ALA B 28 1.69 -14.13 -30.18
CA ALA B 28 0.65 -13.68 -31.09
C ALA B 28 0.43 -12.18 -30.91
N LYS B 29 0.54 -11.71 -29.66
CA LYS B 29 0.37 -10.30 -29.34
C LYS B 29 1.51 -9.50 -29.96
N ILE B 30 2.71 -10.10 -29.96
CA ILE B 30 3.88 -9.47 -30.53
C ILE B 30 3.67 -9.30 -32.02
N GLN B 31 3.05 -10.29 -32.66
CA GLN B 31 2.79 -10.20 -34.10
C GLN B 31 1.81 -9.07 -34.41
N ASP B 32 0.79 -8.94 -33.59
CA ASP B 32 -0.19 -7.88 -33.81
C ASP B 32 0.45 -6.50 -33.63
N LYS B 33 1.37 -6.39 -32.68
CA LYS B 33 2.02 -5.11 -32.41
C LYS B 33 3.24 -4.85 -33.28
N GLU B 34 3.89 -5.92 -33.75
CA GLU B 34 5.09 -5.77 -34.56
C GLU B 34 5.06 -6.58 -35.86
N GLY B 35 3.92 -7.18 -36.16
CA GLY B 35 3.82 -7.96 -37.39
C GLY B 35 4.99 -8.90 -37.55
N ILE B 36 5.10 -9.87 -36.65
CA ILE B 36 6.18 -10.86 -36.69
C ILE B 36 5.61 -12.26 -36.50
N PRO B 37 5.86 -13.15 -37.46
CA PRO B 37 5.37 -14.52 -37.37
C PRO B 37 5.78 -15.22 -36.08
N PRO B 38 4.82 -15.81 -35.36
CA PRO B 38 5.06 -16.51 -34.09
C PRO B 38 5.87 -17.78 -34.29
N ASP B 39 5.75 -18.39 -35.46
CA ASP B 39 6.48 -19.61 -35.78
C ASP B 39 7.98 -19.32 -35.96
N GLN B 40 8.36 -18.06 -35.75
CA GLN B 40 9.76 -17.67 -35.86
C GLN B 40 10.25 -17.05 -34.56
N GLN B 41 9.36 -16.88 -33.60
CA GLN B 41 9.72 -16.28 -32.32
C GLN B 41 10.13 -17.22 -31.21
N ARG B 42 11.32 -17.00 -30.66
CA ARG B 42 11.81 -17.78 -29.52
C ARG B 42 11.87 -16.80 -28.36
N LEU B 43 11.18 -17.10 -27.27
CA LEU B 43 11.17 -16.22 -26.11
C LEU B 43 12.07 -16.75 -25.03
N ILE B 44 12.76 -15.84 -24.37
CA ILE B 44 13.70 -16.25 -23.33
C ILE B 44 13.46 -15.56 -22.00
N PHE B 45 13.30 -16.38 -20.96
CA PHE B 45 13.14 -15.86 -19.62
C PHE B 45 13.92 -16.82 -18.75
N ALA B 46 14.67 -16.27 -17.78
CA ALA B 46 15.49 -17.09 -16.89
C ALA B 46 16.34 -18.08 -17.70
N GLY B 47 16.97 -17.58 -18.75
CA GLY B 47 17.81 -18.43 -19.58
C GLY B 47 17.12 -19.55 -20.34
N LYS B 48 15.81 -19.72 -20.17
CA LYS B 48 15.07 -20.80 -20.84
C LYS B 48 14.13 -20.30 -21.94
N GLN B 49 13.93 -21.14 -22.95
CA GLN B 49 13.02 -20.81 -24.04
C GLN B 49 11.61 -21.13 -23.60
N LEU B 50 10.66 -20.28 -23.92
CA LEU B 50 9.28 -20.52 -23.51
C LEU B 50 8.47 -21.31 -24.56
N GLU B 51 7.68 -22.26 -24.09
CA GLU B 51 6.84 -23.11 -24.95
C GLU B 51 5.46 -22.51 -25.09
N ASP B 52 4.91 -22.58 -26.30
CA ASP B 52 3.58 -22.04 -26.57
C ASP B 52 2.49 -22.61 -25.64
N GLY B 53 2.83 -23.70 -24.96
CA GLY B 53 1.89 -24.33 -24.05
C GLY B 53 1.75 -23.66 -22.69
N ARG B 54 2.82 -23.67 -21.90
CA ARG B 54 2.81 -23.08 -20.56
C ARG B 54 2.31 -21.64 -20.52
N THR B 55 2.23 -21.09 -19.31
CA THR B 55 1.77 -19.72 -19.11
C THR B 55 2.76 -18.95 -18.26
N LEU B 56 2.67 -17.62 -18.29
CA LEU B 56 3.56 -16.79 -17.52
C LEU B 56 3.63 -17.31 -16.09
N SER B 57 2.47 -17.65 -15.56
CA SER B 57 2.35 -18.17 -14.21
C SER B 57 3.32 -19.32 -13.98
N ASP B 58 3.37 -20.27 -14.90
CA ASP B 58 4.27 -21.41 -14.74
C ASP B 58 5.72 -20.95 -14.57
N TYR B 59 6.14 -19.97 -15.37
CA TYR B 59 7.51 -19.45 -15.32
C TYR B 59 7.66 -18.30 -14.34
N ASN B 60 6.74 -18.19 -13.39
CA ASN B 60 6.76 -17.12 -12.39
C ASN B 60 7.13 -15.78 -12.99
N ILE B 61 6.61 -15.48 -14.17
CA ILE B 61 6.90 -14.22 -14.83
C ILE B 61 5.94 -13.15 -14.35
N GLN B 62 6.32 -12.47 -13.27
CA GLN B 62 5.49 -11.41 -12.66
C GLN B 62 5.29 -10.15 -13.52
N LYS B 63 4.67 -9.14 -12.91
CA LYS B 63 4.41 -7.87 -13.59
C LYS B 63 5.71 -7.10 -13.83
N GLU B 64 5.80 -6.45 -14.99
CA GLU B 64 6.97 -5.66 -15.38
C GLU B 64 8.23 -6.49 -15.66
N SER B 65 8.08 -7.81 -15.64
CA SER B 65 9.21 -8.70 -15.92
C SER B 65 9.74 -8.37 -17.30
N THR B 66 10.99 -8.76 -17.55
CA THR B 66 11.61 -8.51 -18.84
C THR B 66 11.86 -9.81 -19.61
N LEU B 67 11.40 -9.84 -20.86
CA LEU B 67 11.58 -11.03 -21.69
C LEU B 67 12.43 -10.69 -22.90
N HIS B 68 13.05 -11.71 -23.47
CA HIS B 68 13.86 -11.52 -24.65
C HIS B 68 13.35 -12.31 -25.83
N LEU B 69 13.54 -11.71 -26.98
CA LEU B 69 13.09 -12.32 -28.20
C LEU B 69 14.26 -12.56 -29.13
N VAL B 70 14.38 -13.78 -29.63
CA VAL B 70 15.41 -14.13 -30.59
C VAL B 70 14.66 -14.78 -31.75
N LEU B 71 14.87 -14.31 -32.96
CA LEU B 71 14.19 -14.93 -34.10
C LEU B 71 15.03 -16.09 -34.67
N ARG B 72 14.38 -17.19 -34.96
CA ARG B 72 15.05 -18.35 -35.53
C ARG B 72 15.43 -18.03 -36.97
N LEU B 73 16.47 -18.69 -37.46
CA LEU B 73 16.94 -18.46 -38.82
C LEU B 73 16.20 -19.30 -39.85
N ARG B 74 15.74 -20.48 -39.43
CA ARG B 74 15.03 -21.39 -40.32
C ARG B 74 14.01 -20.66 -41.16
N GLY B 75 12.85 -20.41 -40.58
CA GLY B 75 11.81 -19.75 -41.33
C GLY B 75 11.22 -20.83 -42.20
N GLY B 76 12.00 -21.88 -42.44
CA GLY B 76 11.52 -23.00 -43.24
C GLY B 76 10.38 -23.65 -42.47
N ASP B 77 10.41 -23.46 -41.15
CA ASP B 77 9.40 -23.98 -40.20
C ASP B 77 9.64 -25.41 -39.75
N GLN C 3 -0.46 38.62 65.37
CA GLN C 3 0.05 39.00 64.02
C GLN C 3 1.00 37.95 63.47
N LEU C 4 1.49 37.09 64.37
CA LEU C 4 2.40 36.02 63.97
C LEU C 4 1.61 34.86 63.37
N GLU C 5 0.71 34.30 64.18
CA GLU C 5 -0.11 33.18 63.72
C GLU C 5 -0.88 33.56 62.46
N ASP C 6 -1.13 34.85 62.29
CA ASP C 6 -1.86 35.32 61.11
C ASP C 6 -1.01 35.09 59.87
N LEU C 7 0.13 35.76 59.79
CA LEU C 7 1.04 35.60 58.65
C LEU C 7 1.47 34.15 58.50
N ARG C 8 1.66 33.46 59.63
CA ARG C 8 2.05 32.06 59.58
C ARG C 8 0.95 31.26 58.88
N GLN C 9 -0.30 31.50 59.26
CA GLN C 9 -1.41 30.80 58.65
C GLN C 9 -1.60 31.26 57.21
N GLN C 10 -1.28 32.53 56.94
CA GLN C 10 -1.41 33.06 55.59
C GLN C 10 -0.34 32.50 54.67
N LEU C 11 0.71 31.95 55.26
CA LEU C 11 1.80 31.34 54.48
C LEU C 11 1.51 29.86 54.29
N GLN C 12 1.07 29.20 55.35
CA GLN C 12 0.75 27.77 55.31
C GLN C 12 -0.37 27.51 54.29
N GLN C 13 -1.03 28.58 53.86
CA GLN C 13 -2.09 28.49 52.88
C GLN C 13 -1.47 28.65 51.50
N ALA C 14 -0.16 28.84 51.48
CA ALA C 14 0.58 29.00 50.24
C ALA C 14 1.43 27.74 50.02
N GLU C 15 1.81 27.08 51.09
CA GLU C 15 2.60 25.86 50.98
C GLU C 15 1.80 24.88 50.14
N GLU C 16 0.60 24.57 50.62
CA GLU C 16 -0.30 23.66 49.94
C GLU C 16 -0.75 24.27 48.63
N ALA C 17 -0.88 25.59 48.61
CA ALA C 17 -1.29 26.32 47.41
C ALA C 17 -0.38 26.00 46.22
N LEU C 18 0.93 25.98 46.46
CA LEU C 18 1.87 25.66 45.39
C LEU C 18 1.98 24.15 45.21
N VAL C 19 1.84 23.40 46.30
CA VAL C 19 1.90 21.95 46.26
C VAL C 19 0.66 21.44 45.52
N ALA C 20 -0.38 22.26 45.51
CA ALA C 20 -1.64 21.93 44.85
C ALA C 20 -1.50 22.11 43.35
N LYS C 21 -0.91 23.23 42.93
CA LYS C 21 -0.71 23.53 41.53
C LYS C 21 0.41 22.71 40.91
N GLN C 22 1.49 22.50 41.65
CA GLN C 22 2.59 21.72 41.14
C GLN C 22 2.08 20.30 40.93
N GLU C 23 1.47 19.74 41.98
CA GLU C 23 0.94 18.39 41.90
C GLU C 23 -0.05 18.32 40.74
N LEU C 24 -0.85 19.37 40.58
CA LEU C 24 -1.82 19.42 39.49
C LEU C 24 -1.09 19.48 38.15
N ILE C 25 -0.20 20.46 38.01
CA ILE C 25 0.58 20.62 36.79
C ILE C 25 1.18 19.29 36.37
N ASP C 26 1.71 18.55 37.34
CA ASP C 26 2.31 17.24 37.08
C ASP C 26 1.25 16.26 36.60
N LYS C 27 0.05 16.38 37.15
CA LYS C 27 -1.05 15.53 36.78
C LYS C 27 -1.46 15.81 35.34
N LEU C 28 -1.33 17.07 34.91
CA LEU C 28 -1.71 17.43 33.55
C LEU C 28 -0.63 17.12 32.51
N LYS C 29 0.62 17.08 32.94
CA LYS C 29 1.70 16.78 32.03
C LYS C 29 1.67 15.29 31.67
N GLU C 30 1.28 14.47 32.63
CA GLU C 30 1.21 13.02 32.42
C GLU C 30 0.12 12.70 31.43
N GLU C 31 -0.85 13.59 31.29
CA GLU C 31 -1.95 13.38 30.38
C GLU C 31 -1.61 13.89 28.99
N ALA C 32 -0.91 15.02 28.93
CA ALA C 32 -0.51 15.60 27.65
C ALA C 32 0.37 14.60 26.91
N GLU C 33 1.01 13.72 27.69
CA GLU C 33 1.89 12.69 27.13
C GLU C 33 1.06 11.56 26.59
N GLN C 34 0.00 11.23 27.29
CA GLN C 34 -0.87 10.17 26.84
C GLN C 34 -1.58 10.64 25.59
N HIS C 35 -1.84 11.95 25.52
CA HIS C 35 -2.52 12.53 24.36
C HIS C 35 -1.64 12.45 23.13
N LYS C 36 -0.39 12.89 23.27
CA LYS C 36 0.55 12.89 22.17
C LYS C 36 0.76 11.49 21.60
N ILE C 37 0.67 10.48 22.47
CA ILE C 37 0.83 9.12 22.00
C ILE C 37 -0.32 8.81 21.05
N VAL C 38 -1.54 9.06 21.50
CA VAL C 38 -2.71 8.80 20.69
C VAL C 38 -2.74 9.67 19.43
N MET C 39 -2.35 10.93 19.56
CA MET C 39 -2.35 11.85 18.42
C MET C 39 -1.38 11.49 17.28
N GLU C 40 -0.41 10.62 17.55
CA GLU C 40 0.55 10.24 16.52
C GLU C 40 -0.13 9.25 15.60
N THR C 41 -1.17 8.63 16.13
CA THR C 41 -1.95 7.65 15.41
C THR C 41 -2.73 8.25 14.24
N VAL C 42 -3.29 9.45 14.47
CA VAL C 42 -4.09 10.16 13.48
C VAL C 42 -3.47 10.20 12.09
N PRO C 43 -2.28 10.78 11.95
CA PRO C 43 -1.72 10.82 10.59
C PRO C 43 -1.63 9.41 10.00
N VAL C 44 -1.35 8.41 10.84
CA VAL C 44 -1.26 7.03 10.38
C VAL C 44 -2.64 6.47 9.99
N LEU C 45 -3.66 6.72 10.80
CA LEU C 45 -4.99 6.27 10.46
C LEU C 45 -5.50 6.98 9.20
N LYS C 46 -5.24 8.27 9.06
CA LYS C 46 -5.68 9.00 7.86
C LYS C 46 -5.03 8.41 6.63
N ALA C 47 -3.75 8.06 6.76
CA ALA C 47 -3.01 7.47 5.65
C ALA C 47 -3.66 6.14 5.29
N GLN C 48 -4.07 5.39 6.31
CA GLN C 48 -4.70 4.09 6.06
C GLN C 48 -6.00 4.22 5.27
N ALA C 49 -6.77 5.24 5.58
CA ALA C 49 -8.03 5.49 4.91
C ALA C 49 -7.79 5.71 3.42
N ASP C 50 -6.86 6.60 3.11
CA ASP C 50 -6.54 6.89 1.72
C ASP C 50 -6.06 5.65 0.96
N ILE C 51 -5.23 4.86 1.60
CA ILE C 51 -4.69 3.66 0.96
C ILE C 51 -5.82 2.70 0.66
N TYR C 52 -6.73 2.50 1.59
CA TYR C 52 -7.85 1.59 1.33
C TYR C 52 -8.74 2.22 0.29
N LYS C 53 -8.75 3.53 0.23
CA LYS C 53 -9.57 4.21 -0.76
C LYS C 53 -9.00 3.94 -2.13
N ALA C 54 -7.73 4.26 -2.31
CA ALA C 54 -7.06 4.05 -3.59
C ALA C 54 -7.14 2.59 -4.02
N ASP C 55 -7.03 1.66 -3.07
CA ASP C 55 -7.12 0.25 -3.39
C ASP C 55 -8.48 -0.07 -3.91
N PHE C 56 -9.50 0.58 -3.36
CA PHE C 56 -10.87 0.35 -3.81
C PHE C 56 -10.99 0.74 -5.27
N GLN C 57 -10.66 1.99 -5.57
CA GLN C 57 -10.73 2.48 -6.94
C GLN C 57 -9.99 1.59 -7.93
N ALA C 58 -8.79 1.16 -7.59
CA ALA C 58 -8.03 0.31 -8.49
C ALA C 58 -8.85 -0.92 -8.85
N GLU C 59 -9.33 -1.64 -7.83
CA GLU C 59 -10.14 -2.83 -8.03
C GLU C 59 -11.34 -2.50 -8.88
N ARG C 60 -12.01 -1.38 -8.59
CA ARG C 60 -13.16 -1.01 -9.40
C ARG C 60 -12.73 -0.88 -10.85
N HIS C 61 -11.78 0.02 -11.11
CA HIS C 61 -11.28 0.22 -12.47
C HIS C 61 -10.88 -1.10 -13.09
N ALA C 62 -10.05 -1.86 -12.39
CA ALA C 62 -9.59 -3.15 -12.88
C ALA C 62 -10.76 -4.00 -13.32
N ARG C 63 -11.80 -4.02 -12.51
CA ARG C 63 -12.99 -4.80 -12.81
C ARG C 63 -13.78 -4.18 -13.96
N GLU C 64 -13.94 -2.87 -13.94
CA GLU C 64 -14.67 -2.18 -14.99
C GLU C 64 -14.17 -2.50 -16.38
N LYS C 65 -12.87 -2.75 -16.52
CA LYS C 65 -12.31 -3.09 -17.82
C LYS C 65 -12.54 -4.56 -18.12
N LEU C 66 -12.51 -5.38 -17.08
CA LEU C 66 -12.75 -6.81 -17.24
C LEU C 66 -14.20 -6.98 -17.67
N VAL C 67 -14.99 -5.94 -17.47
CA VAL C 67 -16.40 -5.96 -17.83
C VAL C 67 -16.56 -5.67 -19.32
N GLU C 68 -15.73 -4.75 -19.82
CA GLU C 68 -15.78 -4.37 -21.22
C GLU C 68 -15.04 -5.34 -22.13
N LYS C 69 -14.21 -6.20 -21.55
CA LYS C 69 -13.48 -7.18 -22.34
C LYS C 69 -14.23 -8.50 -22.32
N LYS C 70 -15.24 -8.60 -21.46
CA LYS C 70 -16.03 -9.81 -21.34
C LYS C 70 -17.33 -9.69 -22.13
N GLU C 71 -17.70 -8.46 -22.47
CA GLU C 71 -18.91 -8.21 -23.24
C GLU C 71 -18.52 -8.08 -24.70
N TYR C 72 -17.21 -8.11 -24.93
CA TYR C 72 -16.62 -8.02 -26.25
C TYR C 72 -16.24 -9.43 -26.67
N LEU C 73 -16.05 -10.29 -25.67
CA LEU C 73 -15.69 -11.68 -25.91
C LEU C 73 -16.96 -12.49 -26.08
N GLN C 74 -18.07 -11.97 -25.56
CA GLN C 74 -19.34 -12.66 -25.66
C GLN C 74 -20.10 -12.22 -26.91
N GLU C 75 -19.95 -10.96 -27.29
CA GLU C 75 -20.62 -10.45 -28.48
C GLU C 75 -19.93 -10.93 -29.74
N GLN C 76 -18.66 -11.31 -29.63
CA GLN C 76 -17.91 -11.80 -30.77
C GLN C 76 -18.20 -13.29 -30.94
N LEU C 77 -18.52 -13.94 -29.83
CA LEU C 77 -18.84 -15.37 -29.85
C LEU C 77 -20.20 -15.51 -30.54
N GLU C 78 -20.95 -14.41 -30.58
CA GLU C 78 -22.26 -14.40 -31.23
C GLU C 78 -22.00 -14.54 -32.72
N GLN C 79 -20.86 -14.05 -33.18
CA GLN C 79 -20.48 -14.11 -34.59
C GLN C 79 -19.66 -15.34 -34.97
N LEU C 80 -19.38 -16.20 -34.00
CA LEU C 80 -18.65 -17.43 -34.28
C LEU C 80 -19.68 -18.52 -34.47
N GLN C 81 -20.89 -18.29 -33.97
CA GLN C 81 -21.97 -19.24 -34.11
C GLN C 81 -22.74 -18.89 -35.38
N ARG C 82 -22.94 -17.60 -35.60
CA ARG C 82 -23.64 -17.12 -36.79
C ARG C 82 -22.96 -17.69 -38.03
N GLU C 83 -21.75 -17.20 -38.30
CA GLU C 83 -20.97 -17.65 -39.45
C GLU C 83 -20.85 -19.17 -39.47
N PHE C 84 -20.78 -19.77 -38.29
CA PHE C 84 -20.66 -21.22 -38.16
C PHE C 84 -21.70 -21.95 -39.00
N ASN C 85 -22.95 -21.90 -38.56
CA ASN C 85 -24.05 -22.56 -39.27
C ASN C 85 -24.12 -22.14 -40.74
N LEU D 7 9.81 38.42 56.72
CA LEU D 7 8.71 37.44 56.46
C LEU D 7 7.82 37.92 55.33
N ARG D 8 7.70 39.23 55.16
CA ARG D 8 6.88 39.81 54.11
C ARG D 8 7.40 39.50 52.72
N GLN D 9 8.73 39.50 52.58
CA GLN D 9 9.36 39.21 51.30
C GLN D 9 9.18 37.73 50.99
N GLN D 10 8.93 36.93 52.03
CA GLN D 10 8.73 35.49 51.92
C GLN D 10 7.33 35.19 51.37
N LEU D 11 6.43 36.17 51.50
CA LEU D 11 5.08 36.02 51.02
C LEU D 11 5.00 36.40 49.55
N GLN D 12 5.48 37.59 49.24
CA GLN D 12 5.47 38.10 47.87
C GLN D 12 6.08 37.14 46.85
N GLN D 13 7.05 36.34 47.28
CA GLN D 13 7.68 35.38 46.39
C GLN D 13 6.83 34.13 46.24
N ALA D 14 5.79 34.02 47.08
CA ALA D 14 4.88 32.89 47.01
C ALA D 14 3.64 33.33 46.24
N GLU D 15 3.46 34.65 46.13
CA GLU D 15 2.34 35.22 45.42
C GLU D 15 2.62 35.18 43.94
N GLU D 16 3.53 36.05 43.49
CA GLU D 16 3.91 36.14 42.08
C GLU D 16 4.25 34.77 41.52
N ALA D 17 4.64 33.85 42.41
CA ALA D 17 5.01 32.50 42.01
C ALA D 17 3.76 31.66 41.73
N LEU D 18 2.77 31.76 42.59
CA LEU D 18 1.54 31.02 42.42
C LEU D 18 0.72 31.58 41.27
N VAL D 19 0.88 32.87 41.00
CA VAL D 19 0.16 33.53 39.91
C VAL D 19 0.52 32.89 38.57
N ALA D 20 1.76 33.07 38.15
CA ALA D 20 2.24 32.52 36.89
C ALA D 20 2.09 30.99 36.87
N LYS D 21 2.17 30.38 38.05
CA LYS D 21 2.04 28.94 38.15
C LYS D 21 0.63 28.55 37.76
N GLN D 22 -0.27 29.53 37.81
CA GLN D 22 -1.67 29.31 37.43
C GLN D 22 -1.77 29.61 35.96
N GLU D 23 -0.97 30.57 35.50
CA GLU D 23 -0.96 30.94 34.10
C GLU D 23 -0.44 29.76 33.27
N LEU D 24 0.29 28.86 33.92
CA LEU D 24 0.83 27.68 33.24
C LEU D 24 -0.19 26.57 33.22
N ILE D 25 -0.99 26.46 34.27
CA ILE D 25 -2.02 25.43 34.34
C ILE D 25 -3.13 25.74 33.33
N ASP D 26 -3.36 27.03 33.10
CA ASP D 26 -4.39 27.43 32.15
C ASP D 26 -3.94 27.24 30.71
N LYS D 27 -2.64 27.03 30.52
CA LYS D 27 -2.07 26.81 29.18
C LYS D 27 -2.17 25.32 28.85
N LEU D 28 -1.97 24.47 29.85
CA LEU D 28 -2.04 23.03 29.66
C LEU D 28 -3.49 22.59 29.51
N LYS D 29 -4.43 23.43 29.95
CA LYS D 29 -5.84 23.08 29.85
C LYS D 29 -6.44 23.51 28.52
N GLU D 30 -5.99 24.65 28.00
CA GLU D 30 -6.52 25.13 26.73
C GLU D 30 -5.79 24.37 25.64
N GLU D 31 -4.76 23.64 26.03
CA GLU D 31 -3.98 22.85 25.10
C GLU D 31 -4.56 21.45 25.07
N ALA D 32 -5.11 21.03 26.20
CA ALA D 32 -5.74 19.72 26.31
C ALA D 32 -7.04 19.70 25.51
N GLU D 33 -7.71 20.84 25.41
CA GLU D 33 -8.94 20.92 24.65
C GLU D 33 -8.68 20.81 23.16
N GLN D 34 -7.50 21.26 22.72
CA GLN D 34 -7.18 21.13 21.32
C GLN D 34 -6.95 19.65 21.06
N HIS D 35 -6.25 19.00 21.99
CA HIS D 35 -5.95 17.57 21.89
C HIS D 35 -7.22 16.76 21.80
N LYS D 36 -8.06 16.89 22.82
CA LYS D 36 -9.28 16.13 22.85
C LYS D 36 -10.06 16.20 21.56
N ILE D 37 -10.10 17.37 20.93
CA ILE D 37 -10.81 17.49 19.67
C ILE D 37 -10.18 16.61 18.59
N VAL D 38 -8.86 16.52 18.62
CA VAL D 38 -8.15 15.68 17.65
C VAL D 38 -8.32 14.20 17.98
N MET D 39 -8.33 13.86 19.26
CA MET D 39 -8.46 12.48 19.69
C MET D 39 -9.86 11.92 19.49
N GLU D 40 -10.85 12.80 19.49
CA GLU D 40 -12.24 12.40 19.30
C GLU D 40 -12.47 11.93 17.89
N THR D 41 -11.41 11.95 17.08
CA THR D 41 -11.53 11.55 15.69
C THR D 41 -10.94 10.16 15.42
N VAL D 42 -10.15 9.66 16.38
CA VAL D 42 -9.50 8.37 16.22
C VAL D 42 -10.46 7.20 15.98
N PRO D 43 -11.50 7.06 16.80
CA PRO D 43 -12.41 5.93 16.54
C PRO D 43 -13.12 6.06 15.19
N VAL D 44 -13.47 7.28 14.80
CA VAL D 44 -14.13 7.48 13.51
C VAL D 44 -13.20 7.05 12.36
N LEU D 45 -11.93 7.42 12.44
CA LEU D 45 -10.97 7.05 11.41
C LEU D 45 -10.84 5.55 11.27
N LYS D 46 -10.93 4.82 12.38
CA LYS D 46 -10.85 3.36 12.29
C LYS D 46 -12.11 2.88 11.56
N ALA D 47 -13.27 3.39 11.98
CA ALA D 47 -14.53 3.01 11.35
C ALA D 47 -14.41 3.17 9.85
N GLN D 48 -14.01 4.38 9.43
CA GLN D 48 -13.83 4.69 8.04
C GLN D 48 -12.95 3.64 7.36
N ALA D 49 -11.83 3.33 7.99
CA ALA D 49 -10.91 2.35 7.44
C ALA D 49 -11.65 1.06 7.15
N ASP D 50 -12.35 0.50 8.15
CA ASP D 50 -13.11 -0.73 7.96
C ASP D 50 -14.12 -0.63 6.83
N ILE D 51 -14.88 0.47 6.83
CA ILE D 51 -15.86 0.67 5.77
C ILE D 51 -15.21 0.51 4.40
N TYR D 52 -14.25 1.37 4.10
CA TYR D 52 -13.53 1.33 2.84
C TYR D 52 -12.99 -0.07 2.58
N LYS D 53 -12.42 -0.70 3.61
CA LYS D 53 -11.87 -2.05 3.42
C LYS D 53 -12.96 -2.96 2.89
N ALA D 54 -14.11 -2.91 3.54
CA ALA D 54 -15.25 -3.71 3.17
C ALA D 54 -15.60 -3.50 1.69
N ASP D 55 -15.82 -2.25 1.29
CA ASP D 55 -16.15 -1.98 -0.10
C ASP D 55 -15.17 -2.72 -0.99
N PHE D 56 -13.89 -2.58 -0.67
CA PHE D 56 -12.85 -3.24 -1.43
C PHE D 56 -13.16 -4.71 -1.57
N GLN D 57 -13.22 -5.43 -0.46
CA GLN D 57 -13.49 -6.86 -0.52
C GLN D 57 -14.69 -7.17 -1.38
N ALA D 58 -15.73 -6.35 -1.24
CA ALA D 58 -16.93 -6.53 -2.02
C ALA D 58 -16.57 -6.42 -3.49
N GLU D 59 -15.88 -5.34 -3.81
CA GLU D 59 -15.43 -5.07 -5.18
C GLU D 59 -14.51 -6.19 -5.65
N ARG D 60 -13.96 -6.94 -4.73
CA ARG D 60 -13.05 -8.00 -5.11
C ARG D 60 -13.79 -9.27 -5.50
N HIS D 61 -14.78 -9.65 -4.70
CA HIS D 61 -15.56 -10.85 -4.98
C HIS D 61 -16.30 -10.64 -6.31
N ALA D 62 -16.79 -9.43 -6.53
CA ALA D 62 -17.50 -9.11 -7.77
C ALA D 62 -16.54 -9.28 -8.95
N ARG D 63 -15.29 -8.89 -8.74
CA ARG D 63 -14.29 -9.01 -9.79
C ARG D 63 -13.87 -10.47 -9.93
N GLU D 64 -13.68 -11.15 -8.81
CA GLU D 64 -13.27 -12.54 -8.83
C GLU D 64 -14.28 -13.42 -9.56
N LYS D 65 -15.56 -13.26 -9.25
CA LYS D 65 -16.59 -14.04 -9.91
C LYS D 65 -16.66 -13.67 -11.39
N LEU D 66 -16.58 -12.37 -11.67
CA LEU D 66 -16.61 -11.89 -13.04
C LEU D 66 -15.41 -12.38 -13.84
N VAL D 67 -14.56 -13.19 -13.20
CA VAL D 67 -13.37 -13.73 -13.85
C VAL D 67 -13.69 -15.13 -14.37
N GLU D 68 -14.50 -15.86 -13.62
CA GLU D 68 -14.88 -17.20 -14.03
C GLU D 68 -15.82 -17.08 -15.23
N LYS D 69 -16.72 -16.10 -15.16
CA LYS D 69 -17.67 -15.86 -16.23
C LYS D 69 -16.94 -15.62 -17.55
N LYS D 70 -15.75 -15.04 -17.48
CA LYS D 70 -14.98 -14.75 -18.67
C LYS D 70 -14.11 -15.93 -19.08
N GLU D 71 -13.47 -16.57 -18.11
CA GLU D 71 -12.60 -17.70 -18.42
C GLU D 71 -13.39 -18.89 -18.97
N TYR D 72 -14.71 -18.84 -18.86
CA TYR D 72 -15.57 -19.90 -19.35
C TYR D 72 -15.90 -19.69 -20.82
N LEU D 73 -15.87 -18.42 -21.25
CA LEU D 73 -16.15 -18.10 -22.64
C LEU D 73 -14.92 -18.35 -23.51
N GLN D 74 -13.72 -18.15 -22.94
CA GLN D 74 -12.49 -18.38 -23.67
C GLN D 74 -12.44 -19.84 -24.08
N GLU D 75 -12.30 -20.72 -23.08
CA GLU D 75 -12.23 -22.16 -23.31
C GLU D 75 -13.36 -22.56 -24.23
N GLN D 76 -14.51 -21.94 -24.01
CA GLN D 76 -15.70 -22.21 -24.81
C GLN D 76 -15.49 -21.75 -26.23
N LEU D 77 -15.26 -20.45 -26.41
CA LEU D 77 -15.04 -19.89 -27.73
C LEU D 77 -13.91 -20.63 -28.45
N GLU D 78 -13.02 -21.24 -27.68
CA GLU D 78 -11.90 -22.00 -28.25
C GLU D 78 -12.41 -23.32 -28.82
N GLN D 79 -13.11 -24.08 -27.99
CA GLN D 79 -13.66 -25.37 -28.41
C GLN D 79 -14.67 -25.14 -29.54
N LEU D 80 -15.39 -24.03 -29.46
CA LEU D 80 -16.39 -23.69 -30.48
C LEU D 80 -15.70 -23.08 -31.68
N GLN D 81 -14.37 -23.03 -31.64
CA GLN D 81 -13.59 -22.49 -32.75
C GLN D 81 -13.06 -23.70 -33.52
N ARG D 82 -12.86 -24.81 -32.80
CA ARG D 82 -12.38 -26.05 -33.38
C ARG D 82 -13.42 -26.56 -34.36
N GLU D 83 -14.69 -26.35 -34.01
CA GLU D 83 -15.79 -26.77 -34.84
C GLU D 83 -15.85 -25.94 -36.12
N PHE D 84 -15.69 -24.63 -35.97
CA PHE D 84 -15.74 -23.73 -37.11
C PHE D 84 -14.48 -23.83 -37.95
N ASN D 85 -13.43 -24.39 -37.37
CA ASN D 85 -12.16 -24.54 -38.06
C ASN D 85 -12.00 -25.94 -38.67
N LYS D 86 -12.18 -26.97 -37.85
CA LYS D 86 -12.05 -28.36 -38.28
C LYS D 86 -13.11 -28.81 -39.29
N LEU D 87 -14.19 -28.04 -39.41
CA LEU D 87 -15.27 -28.37 -40.34
C LEU D 87 -15.10 -27.66 -41.67
N LYS D 88 -14.76 -26.37 -41.64
CA LYS D 88 -14.57 -25.62 -42.88
C LYS D 88 -13.48 -26.21 -43.75
N VAL D 89 -12.39 -26.65 -43.12
CA VAL D 89 -11.27 -27.25 -43.83
C VAL D 89 -11.69 -28.53 -44.55
N GLY D 90 -12.64 -29.24 -43.95
CA GLY D 90 -13.11 -30.49 -44.53
C GLY D 90 -13.93 -30.33 -45.81
N CYS D 91 -14.47 -29.14 -46.03
CA CYS D 91 -15.29 -28.88 -47.21
C CYS D 91 -14.45 -28.61 -48.46
N HIS D 92 -13.64 -27.55 -48.42
CA HIS D 92 -12.79 -27.16 -49.54
C HIS D 92 -12.43 -28.35 -50.45
#